data_8PPM
#
_entry.id   8PPM
#
_cell.length_a   72.069
_cell.length_b   72.069
_cell.length_c   163.833
_cell.angle_alpha   90.000
_cell.angle_beta   90.000
_cell.angle_gamma   120.000
#
_symmetry.space_group_name_H-M   'P 32 2 1'
#
loop_
_entity.id
_entity.type
_entity.pdbx_description
1 polymer 'Fab4 heavy chain'
2 polymer 'Fab4 Light chain, crystal kappa variant'
3 non-polymer 'POTASSIUM ION'
4 water water
#
loop_
_entity_poly.entity_id
_entity_poly.type
_entity_poly.pdbx_seq_one_letter_code
_entity_poly.pdbx_strand_id
1 'polypeptide(L)'
;QVQLVESGGGVVQPGRSLRLSCAASGFTFTSYGMSWVRQAPGKGLEWVAGISYDASDTEYADSVKGRFTISRDNSKNTLY
LQMNSLRAEDTAVYYCARSPDYIIDYGFDYWGRGTLVTVSSASTKGPSVFPLAPSSKSTSGGTAALGCLVKDYFPEPVTV
SWNSGALTSGVHTFPAVLQSSGLYSLSSVVTVPSSSLGTQTYICNVNHKPSNTKVDKRVEPKSCGHHHHHH
;
H
2 'polypeptide(L)'
;AIQMTQSPSSLSASVGDRVTITCRASQGISSDLAWYQQKPGKAPKLLIYDASSLQSGVPSRFSGSGSGTDFTLTISSLQP
EDFATYYCQQYWWYPFTFGQGTKVEIKRTVAAPSVFIFPPSDEQLKSGTASVVCLLNNFYPREAKVQWKVDNALQSGNSQ
ESVTEQDSKDSTYSLSSTLTLSKADYEKHKVYACEVTQGTTSVTKSFNRGEC
;
L
#
# COMPACT_ATOMS: atom_id res chain seq x y z
N GLN A 1 12.19 0.37 -27.08
CA GLN A 1 11.42 0.86 -25.94
C GLN A 1 10.35 -0.14 -25.55
N VAL A 2 10.68 -1.07 -24.66
CA VAL A 2 9.74 -2.08 -24.22
C VAL A 2 8.62 -1.41 -23.43
N GLN A 3 7.38 -1.61 -23.87
CA GLN A 3 6.22 -1.07 -23.18
C GLN A 3 5.19 -2.19 -22.98
N LEU A 4 4.67 -2.29 -21.76
CA LEU A 4 3.59 -3.20 -21.44
C LEU A 4 2.51 -2.38 -20.75
N VAL A 5 1.30 -2.38 -21.33
CA VAL A 5 0.20 -1.54 -20.85
C VAL A 5 -0.99 -2.44 -20.58
N GLU A 6 -1.38 -2.56 -19.31
CA GLU A 6 -2.56 -3.31 -18.95
C GLU A 6 -3.80 -2.44 -19.08
N SER A 7 -4.95 -3.12 -19.20
CA SER A 7 -6.24 -2.45 -19.25
C SER A 7 -7.31 -3.49 -18.98
N GLY A 8 -8.50 -3.00 -18.62
CA GLY A 8 -9.64 -3.86 -18.34
C GLY A 8 -9.97 -4.03 -16.88
N GLY A 9 -9.22 -3.41 -15.98
CA GLY A 9 -9.51 -3.50 -14.56
C GLY A 9 -10.75 -2.70 -14.18
N GLY A 10 -11.14 -2.85 -12.94
CA GLY A 10 -12.30 -2.15 -12.41
C GLY A 10 -12.99 -2.98 -11.35
N VAL A 11 -14.27 -2.69 -11.16
CA VAL A 11 -15.10 -3.33 -10.14
C VAL A 11 -15.89 -4.45 -10.77
N VAL A 12 -15.91 -5.61 -10.11
CA VAL A 12 -16.63 -6.78 -10.57
C VAL A 12 -17.24 -7.48 -9.37
N GLN A 13 -18.51 -7.83 -9.45
CA GLN A 13 -19.17 -8.49 -8.34
C GLN A 13 -18.69 -9.94 -8.21
N PRO A 14 -18.73 -10.50 -7.01
CA PRO A 14 -18.28 -11.90 -6.85
C PRO A 14 -19.09 -12.85 -7.71
N GLY A 15 -18.40 -13.81 -8.31
CA GLY A 15 -19.02 -14.76 -9.22
C GLY A 15 -19.04 -14.32 -10.67
N ARG A 16 -18.89 -13.02 -10.93
CA ARG A 16 -18.86 -12.51 -12.29
C ARG A 16 -17.51 -12.78 -12.94
N SER A 17 -17.36 -12.35 -14.19
CA SER A 17 -16.14 -12.54 -14.95
C SER A 17 -15.58 -11.20 -15.40
N LEU A 18 -14.26 -11.16 -15.58
CA LEU A 18 -13.57 -9.97 -16.04
C LEU A 18 -12.37 -10.39 -16.89
N ARG A 19 -12.09 -9.61 -17.93
CA ARG A 19 -11.05 -9.94 -18.91
C ARG A 19 -10.05 -8.80 -18.97
N LEU A 20 -8.79 -9.11 -18.67
CA LEU A 20 -7.72 -8.13 -18.72
C LEU A 20 -6.92 -8.28 -20.01
N SER A 21 -6.36 -7.17 -20.47
CA SER A 21 -5.53 -7.14 -21.67
C SER A 21 -4.19 -6.50 -21.33
N CYS A 22 -3.18 -6.83 -22.13
CA CYS A 22 -1.83 -6.30 -21.97
C CYS A 22 -1.25 -6.07 -23.36
N ALA A 23 -1.11 -4.81 -23.76
CA ALA A 23 -0.58 -4.46 -25.07
C ALA A 23 0.93 -4.31 -24.99
N ALA A 24 1.65 -5.08 -25.79
CA ALA A 24 3.10 -5.11 -25.78
C ALA A 24 3.67 -4.41 -27.01
N SER A 25 4.81 -3.76 -26.83
CA SER A 25 5.50 -3.08 -27.92
C SER A 25 6.96 -2.90 -27.52
N GLY A 26 7.80 -2.73 -28.53
CA GLY A 26 9.21 -2.50 -28.31
C GLY A 26 10.09 -3.73 -28.34
N PHE A 27 9.55 -4.91 -28.65
CA PHE A 27 10.34 -6.12 -28.72
C PHE A 27 9.58 -7.15 -29.56
N THR A 28 10.31 -8.18 -29.98
CA THR A 28 9.70 -9.29 -30.71
C THR A 28 8.80 -10.10 -29.77
N PHE A 29 7.50 -9.76 -29.76
CA PHE A 29 6.58 -10.34 -28.79
C PHE A 29 6.48 -11.86 -28.92
N THR A 30 6.60 -12.39 -30.14
CA THR A 30 6.42 -13.82 -30.39
C THR A 30 7.57 -14.67 -29.89
N SER A 31 8.62 -14.07 -29.30
CA SER A 31 9.79 -14.81 -28.86
C SER A 31 9.89 -14.94 -27.34
N TYR A 32 8.98 -14.32 -26.59
CA TYR A 32 9.12 -14.23 -25.14
C TYR A 32 7.88 -14.79 -24.45
N GLY A 33 8.12 -15.53 -23.36
CA GLY A 33 7.03 -15.91 -22.50
C GLY A 33 6.50 -14.73 -21.71
N MET A 34 5.22 -14.80 -21.36
CA MET A 34 4.56 -13.73 -20.64
C MET A 34 3.81 -14.31 -19.44
N SER A 35 3.65 -13.49 -18.41
CA SER A 35 2.99 -13.92 -17.18
C SER A 35 2.12 -12.79 -16.65
N TRP A 36 1.20 -13.17 -15.76
CA TRP A 36 0.43 -12.24 -14.96
C TRP A 36 0.85 -12.38 -13.51
N VAL A 37 1.14 -11.25 -12.86
CA VAL A 37 1.51 -11.21 -11.45
C VAL A 37 0.59 -10.20 -10.77
N ARG A 38 0.03 -10.58 -9.63
CA ARG A 38 -0.89 -9.70 -8.91
C ARG A 38 -0.35 -9.39 -7.52
N GLN A 39 -0.90 -8.33 -6.94
CA GLN A 39 -0.46 -7.86 -5.62
C GLN A 39 -1.68 -7.28 -4.90
N ALA A 40 -2.16 -8.00 -3.89
CA ALA A 40 -3.26 -7.49 -3.09
C ALA A 40 -2.84 -6.24 -2.33
N PRO A 41 -3.78 -5.37 -1.98
CA PRO A 41 -3.42 -4.13 -1.27
C PRO A 41 -2.68 -4.42 0.02
N GLY A 42 -1.45 -3.91 0.10
CA GLY A 42 -0.63 -4.10 1.28
C GLY A 42 -0.03 -5.48 1.44
N LYS A 43 -0.10 -6.32 0.43
CA LYS A 43 0.41 -7.69 0.49
C LYS A 43 1.58 -7.85 -0.47
N GLY A 44 2.10 -9.07 -0.53
CA GLY A 44 3.23 -9.38 -1.38
C GLY A 44 2.82 -9.71 -2.80
N LEU A 45 3.79 -10.19 -3.56
CA LEU A 45 3.58 -10.53 -4.96
C LEU A 45 3.14 -11.97 -5.10
N GLU A 46 2.22 -12.23 -6.02
CA GLU A 46 1.74 -13.57 -6.32
C GLU A 46 1.72 -13.77 -7.82
N TRP A 47 2.49 -14.75 -8.30
CA TRP A 47 2.42 -15.14 -9.71
C TRP A 47 1.09 -15.82 -9.99
N VAL A 48 0.40 -15.36 -11.03
CA VAL A 48 -0.95 -15.81 -11.35
C VAL A 48 -0.97 -16.87 -12.44
N ALA A 49 -0.34 -16.57 -13.58
CA ALA A 49 -0.36 -17.48 -14.71
C ALA A 49 0.79 -17.12 -15.64
N GLY A 50 1.16 -18.07 -16.49
CA GLY A 50 2.22 -17.85 -17.47
C GLY A 50 1.95 -18.62 -18.73
N ILE A 51 2.48 -18.11 -19.84
CA ILE A 51 2.24 -18.71 -21.15
C ILE A 51 3.53 -18.64 -21.96
N SER A 52 3.81 -19.71 -22.72
CA SER A 52 5.04 -19.77 -23.49
C SER A 52 4.93 -18.89 -24.73
N TYR A 53 6.07 -18.72 -25.41
CA TYR A 53 6.16 -17.80 -26.54
C TYR A 53 5.17 -18.16 -27.64
N ASP A 54 4.99 -19.45 -27.92
CA ASP A 54 4.12 -19.90 -29.00
C ASP A 54 2.74 -20.31 -28.51
N ALA A 55 2.38 -19.96 -27.27
CA ALA A 55 1.10 -20.24 -26.64
C ALA A 55 0.82 -21.73 -26.48
N SER A 56 1.83 -22.59 -26.65
CA SER A 56 1.60 -24.03 -26.57
C SER A 56 1.63 -24.56 -25.14
N ASP A 57 2.06 -23.77 -24.16
CA ASP A 57 2.09 -24.22 -22.78
C ASP A 57 1.65 -23.10 -21.86
N THR A 58 0.74 -23.42 -20.95
CA THR A 58 0.26 -22.48 -19.95
C THR A 58 0.39 -23.11 -18.57
N GLU A 59 0.64 -22.26 -17.56
CA GLU A 59 0.70 -22.69 -16.18
C GLU A 59 -0.05 -21.69 -15.32
N TYR A 60 -0.58 -22.16 -14.19
CA TYR A 60 -1.44 -21.35 -13.37
C TYR A 60 -1.10 -21.54 -11.89
N ALA A 61 -1.42 -20.52 -11.09
CA ALA A 61 -1.31 -20.63 -9.65
C ALA A 61 -2.41 -21.52 -9.10
N ASP A 62 -2.16 -22.12 -7.94
CA ASP A 62 -3.11 -23.08 -7.37
C ASP A 62 -4.46 -22.45 -7.09
N SER A 63 -4.47 -21.21 -6.62
CA SER A 63 -5.71 -20.56 -6.22
C SER A 63 -6.58 -20.12 -7.39
N VAL A 64 -6.06 -20.17 -8.62
CA VAL A 64 -6.78 -19.72 -9.80
C VAL A 64 -7.00 -20.81 -10.83
N LYS A 65 -6.46 -22.01 -10.60
CA LYS A 65 -6.62 -23.10 -11.56
C LYS A 65 -8.09 -23.45 -11.74
N GLY A 66 -8.52 -23.56 -13.00
CA GLY A 66 -9.90 -23.82 -13.31
C GLY A 66 -10.79 -22.61 -13.38
N ARG A 67 -10.33 -21.46 -12.87
CA ARG A 67 -11.08 -20.21 -12.93
C ARG A 67 -10.51 -19.21 -13.92
N PHE A 68 -9.19 -19.17 -14.07
CA PHE A 68 -8.53 -18.20 -14.94
C PHE A 68 -7.98 -18.90 -16.18
N THR A 69 -7.91 -18.15 -17.28
CA THR A 69 -7.32 -18.62 -18.53
C THR A 69 -6.42 -17.54 -19.09
N ILE A 70 -5.15 -17.87 -19.31
CA ILE A 70 -4.20 -16.95 -19.93
C ILE A 70 -4.05 -17.35 -21.39
N SER A 71 -3.95 -16.34 -22.26
CA SER A 71 -3.79 -16.58 -23.69
C SER A 71 -3.08 -15.39 -24.31
N ARG A 72 -2.76 -15.51 -25.59
CA ARG A 72 -2.03 -14.46 -26.28
C ARG A 72 -2.40 -14.46 -27.75
N ASP A 73 -2.37 -13.28 -28.35
CA ASP A 73 -2.60 -13.08 -29.78
C ASP A 73 -1.28 -12.59 -30.36
N ASN A 74 -0.51 -13.50 -30.94
CA ASN A 74 0.82 -13.15 -31.46
C ASN A 74 0.76 -12.30 -32.72
N SER A 75 -0.42 -12.14 -33.34
CA SER A 75 -0.57 -11.23 -34.46
C SER A 75 -0.96 -9.83 -34.00
N LYS A 76 -1.45 -9.67 -32.78
CA LYS A 76 -1.82 -8.38 -32.22
C LYS A 76 -0.88 -7.93 -31.11
N ASN A 77 0.10 -8.75 -30.73
CA ASN A 77 1.03 -8.43 -29.64
C ASN A 77 0.28 -8.10 -28.36
N THR A 78 -0.69 -8.94 -28.01
CA THR A 78 -1.55 -8.71 -26.87
C THR A 78 -1.62 -9.97 -26.00
N LEU A 79 -1.56 -9.77 -24.69
CA LEU A 79 -1.70 -10.83 -23.70
C LEU A 79 -3.06 -10.67 -23.01
N TYR A 80 -3.69 -11.79 -22.67
CA TYR A 80 -5.01 -11.79 -22.05
C TYR A 80 -5.01 -12.62 -20.78
N LEU A 81 -5.89 -12.24 -19.85
CA LEU A 81 -6.19 -13.04 -18.67
C LEU A 81 -7.71 -13.01 -18.47
N GLN A 82 -8.37 -14.13 -18.76
CA GLN A 82 -9.80 -14.27 -18.55
C GLN A 82 -10.05 -14.79 -17.15
N MET A 83 -10.67 -13.97 -16.31
CA MET A 83 -10.91 -14.28 -14.90
C MET A 83 -12.38 -14.58 -14.70
N ASN A 84 -12.70 -15.84 -14.41
CA ASN A 84 -14.05 -16.28 -14.13
C ASN A 84 -14.21 -16.60 -12.65
N SER A 85 -15.47 -16.64 -12.21
CA SER A 85 -15.83 -17.00 -10.84
C SER A 85 -15.00 -16.22 -9.83
N LEU A 86 -14.97 -14.90 -9.99
CA LEU A 86 -14.08 -14.06 -9.20
C LEU A 86 -14.51 -14.01 -7.75
N ARG A 87 -13.52 -13.96 -6.86
CA ARG A 87 -13.74 -13.93 -5.41
C ARG A 87 -13.12 -12.66 -4.84
N ALA A 88 -13.52 -12.34 -3.61
CA ALA A 88 -12.98 -11.15 -2.95
C ALA A 88 -11.46 -11.23 -2.81
N GLU A 89 -10.92 -12.44 -2.63
CA GLU A 89 -9.47 -12.60 -2.50
C GLU A 89 -8.73 -12.31 -3.79
N ASP A 90 -9.42 -12.24 -4.93
CA ASP A 90 -8.81 -11.87 -6.19
C ASP A 90 -8.59 -10.36 -6.32
N THR A 91 -9.09 -9.57 -5.36
CA THR A 91 -8.86 -8.13 -5.38
C THR A 91 -7.37 -7.84 -5.30
N ALA A 92 -6.83 -7.21 -6.33
CA ALA A 92 -5.40 -6.92 -6.39
C ALA A 92 -5.12 -6.03 -7.59
N VAL A 93 -3.92 -5.46 -7.60
CA VAL A 93 -3.35 -4.87 -8.80
C VAL A 93 -2.72 -5.97 -9.63
N TYR A 94 -3.08 -6.04 -10.91
CA TYR A 94 -2.62 -7.10 -11.79
C TYR A 94 -1.60 -6.54 -12.77
N TYR A 95 -0.41 -7.13 -12.79
CA TYR A 95 0.65 -6.76 -13.73
C TYR A 95 0.82 -7.85 -14.78
N CYS A 96 1.12 -7.44 -16.00
CA CYS A 96 1.67 -8.36 -16.99
C CYS A 96 3.18 -8.19 -17.02
N ALA A 97 3.90 -9.30 -17.13
CA ALA A 97 5.35 -9.29 -17.00
C ALA A 97 5.97 -10.22 -18.03
N ARG A 98 7.09 -9.78 -18.60
CA ARG A 98 7.83 -10.57 -19.58
C ARG A 98 8.96 -11.33 -18.90
N SER A 99 9.23 -12.52 -19.40
CA SER A 99 10.41 -13.25 -18.97
C SER A 99 11.47 -13.21 -20.05
N PRO A 100 12.76 -13.14 -19.68
CA PRO A 100 13.84 -13.16 -20.69
C PRO A 100 14.10 -14.56 -21.21
N ASP A 101 13.07 -15.18 -21.78
CA ASP A 101 13.12 -16.56 -22.23
C ASP A 101 11.89 -16.82 -23.09
N TYR A 102 11.94 -17.91 -23.86
CA TYR A 102 10.76 -18.31 -24.62
C TYR A 102 9.72 -19.00 -23.73
N ILE A 103 10.15 -19.60 -22.62
CA ILE A 103 9.22 -19.97 -21.56
C ILE A 103 9.26 -18.85 -20.54
N ILE A 104 8.90 -19.13 -19.29
CA ILE A 104 8.82 -18.06 -18.30
C ILE A 104 9.86 -18.25 -17.20
N ASP A 105 11.06 -18.69 -17.56
CA ASP A 105 12.14 -18.83 -16.61
C ASP A 105 12.93 -17.54 -16.47
N TYR A 106 13.88 -17.55 -15.52
CA TYR A 106 14.86 -16.47 -15.32
C TYR A 106 14.21 -15.17 -14.84
N GLY A 107 13.08 -15.27 -14.14
CA GLY A 107 12.46 -14.10 -13.57
C GLY A 107 11.62 -13.30 -14.57
N PHE A 108 11.30 -12.08 -14.16
CA PHE A 108 10.44 -11.19 -14.95
C PHE A 108 11.18 -9.86 -15.14
N ASP A 109 11.66 -9.62 -16.35
CA ASP A 109 12.55 -8.49 -16.60
C ASP A 109 11.84 -7.21 -17.01
N TYR A 110 10.59 -7.30 -17.48
CA TYR A 110 9.81 -6.11 -17.83
C TYR A 110 8.40 -6.25 -17.28
N TRP A 111 7.91 -5.17 -16.68
CA TRP A 111 6.61 -5.14 -16.04
C TRP A 111 5.78 -4.00 -16.59
N GLY A 112 4.45 -4.21 -16.63
CA GLY A 112 3.53 -3.16 -16.97
C GLY A 112 3.27 -2.25 -15.77
N ARG A 113 2.36 -1.31 -15.97
CA ARG A 113 2.02 -0.36 -14.92
C ARG A 113 1.07 -0.95 -13.89
N GLY A 114 0.33 -1.99 -14.25
CA GLY A 114 -0.63 -2.59 -13.33
C GLY A 114 -2.01 -1.99 -13.47
N THR A 115 -3.03 -2.83 -13.26
CA THR A 115 -4.41 -2.38 -13.30
C THR A 115 -5.15 -2.98 -12.11
N LEU A 116 -5.96 -2.16 -11.46
CA LEU A 116 -6.63 -2.54 -10.22
C LEU A 116 -7.93 -3.29 -10.52
N VAL A 117 -8.07 -4.47 -9.93
CA VAL A 117 -9.29 -5.26 -9.99
C VAL A 117 -9.84 -5.34 -8.58
N THR A 118 -11.09 -4.89 -8.40
CA THR A 118 -11.75 -4.89 -7.10
C THR A 118 -12.98 -5.78 -7.20
N VAL A 119 -12.95 -6.89 -6.47
CA VAL A 119 -14.07 -7.83 -6.43
C VAL A 119 -14.85 -7.57 -5.15
N SER A 120 -16.09 -7.08 -5.30
CA SER A 120 -16.91 -6.74 -4.15
C SER A 120 -18.34 -6.55 -4.61
N SER A 121 -19.27 -6.73 -3.68
CA SER A 121 -20.69 -6.46 -3.93
C SER A 121 -21.07 -5.02 -3.66
N ALA A 122 -20.13 -4.21 -3.16
CA ALA A 122 -20.41 -2.80 -2.92
C ALA A 122 -20.54 -2.05 -4.24
N SER A 123 -21.36 -1.00 -4.21
CA SER A 123 -21.59 -0.17 -5.38
C SER A 123 -20.69 1.07 -5.32
N THR A 124 -20.32 1.57 -6.50
CA THR A 124 -19.43 2.72 -6.59
C THR A 124 -20.06 3.93 -5.91
N LYS A 125 -19.28 4.58 -5.04
CA LYS A 125 -19.79 5.69 -4.25
C LYS A 125 -18.67 6.70 -4.03
N GLY A 126 -18.97 7.98 -4.23
CA GLY A 126 -18.03 9.04 -3.95
C GLY A 126 -17.89 9.25 -2.45
N PRO A 127 -16.79 9.88 -2.04
CA PRO A 127 -16.52 10.03 -0.60
C PRO A 127 -17.30 11.17 0.03
N SER A 128 -17.62 10.99 1.31
CA SER A 128 -18.07 12.07 2.17
C SER A 128 -16.86 12.63 2.90
N VAL A 129 -16.64 13.93 2.78
CA VAL A 129 -15.44 14.57 3.30
C VAL A 129 -15.85 15.44 4.48
N PHE A 130 -15.38 15.08 5.68
CA PHE A 130 -15.67 15.79 6.90
C PHE A 130 -14.41 16.48 7.42
N PRO A 131 -14.55 17.63 8.09
CA PRO A 131 -13.37 18.36 8.54
C PRO A 131 -12.78 17.78 9.82
N LEU A 132 -11.45 17.78 9.88
CA LEU A 132 -10.70 17.55 11.11
C LEU A 132 -10.22 18.92 11.57
N ALA A 133 -11.04 19.60 12.38
CA ALA A 133 -10.81 21.01 12.59
C ALA A 133 -9.83 21.25 13.74
N PRO A 134 -9.00 22.28 13.60
CA PRO A 134 -8.13 22.69 14.71
C PRO A 134 -8.90 23.54 15.72
N SER A 135 -8.28 23.74 16.87
CA SER A 135 -8.88 24.55 17.92
C SER A 135 -8.69 26.03 17.63
N SER A 138 -5.76 27.92 19.71
CA SER A 138 -4.84 26.82 19.43
C SER A 138 -4.50 26.05 20.70
N THR A 139 -4.69 24.74 20.66
CA THR A 139 -4.42 23.86 21.79
C THR A 139 -3.12 23.09 21.63
N SER A 140 -2.18 23.59 20.81
CA SER A 140 -0.98 22.81 20.52
C SER A 140 0.26 23.68 20.33
N GLY A 141 0.28 24.91 20.82
CA GLY A 141 1.45 25.76 20.69
C GLY A 141 1.53 26.48 19.36
N GLY A 142 2.75 26.67 18.86
CA GLY A 142 2.95 27.36 17.59
C GLY A 142 2.57 26.56 16.37
N THR A 143 2.24 25.27 16.54
CA THR A 143 1.88 24.40 15.44
C THR A 143 0.46 23.88 15.67
N ALA A 144 -0.36 23.92 14.63
CA ALA A 144 -1.72 23.42 14.67
C ALA A 144 -1.89 22.31 13.65
N ALA A 145 -2.68 21.30 14.00
CA ALA A 145 -2.97 20.18 13.12
C ALA A 145 -4.42 20.24 12.66
N LEU A 146 -4.64 20.00 11.38
CA LEU A 146 -5.98 19.93 10.82
C LEU A 146 -5.98 18.90 9.71
N GLY A 147 -7.17 18.60 9.19
CA GLY A 147 -7.23 17.62 8.12
C GLY A 147 -8.64 17.40 7.62
N CYS A 148 -8.79 16.35 6.84
CA CYS A 148 -10.06 15.95 6.25
C CYS A 148 -10.27 14.45 6.42
N LEU A 149 -11.46 14.07 6.87
CA LEU A 149 -11.84 12.66 6.95
C LEU A 149 -12.55 12.28 5.66
N VAL A 150 -11.91 11.41 4.88
CA VAL A 150 -12.44 10.98 3.59
C VAL A 150 -13.04 9.59 3.81
N LYS A 151 -14.36 9.53 3.95
CA LYS A 151 -15.03 8.36 4.49
C LYS A 151 -16.06 7.79 3.50
N ASP A 152 -16.15 6.46 3.49
CA ASP A 152 -17.21 5.73 2.80
C ASP A 152 -17.23 5.95 1.29
N TYR A 153 -16.13 5.66 0.61
CA TYR A 153 -16.07 5.68 -0.84
C TYR A 153 -15.73 4.30 -1.36
N PHE A 154 -16.07 4.07 -2.63
CA PHE A 154 -15.76 2.80 -3.27
C PHE A 154 -15.73 3.01 -4.77
N PRO A 155 -14.74 2.45 -5.48
CA PRO A 155 -13.59 1.69 -4.98
C PRO A 155 -12.38 2.58 -4.75
N GLU A 156 -11.22 1.98 -4.49
CA GLU A 156 -9.97 2.72 -4.53
C GLU A 156 -9.69 3.19 -5.95
N PRO A 157 -8.91 4.26 -6.12
CA PRO A 157 -8.34 5.11 -5.09
C PRO A 157 -8.93 6.52 -5.07
N VAL A 158 -8.62 7.28 -4.03
CA VAL A 158 -8.83 8.72 -4.02
C VAL A 158 -7.47 9.39 -3.96
N THR A 159 -7.40 10.61 -4.47
CA THR A 159 -6.22 11.45 -4.33
C THR A 159 -6.60 12.70 -3.55
N VAL A 160 -5.70 13.15 -2.69
CA VAL A 160 -5.95 14.30 -1.83
C VAL A 160 -4.82 15.30 -2.01
N SER A 161 -5.18 16.54 -2.30
CA SER A 161 -4.25 17.67 -2.28
C SER A 161 -4.79 18.71 -1.31
N TRP A 162 -3.95 19.69 -0.99
CA TRP A 162 -4.32 20.77 -0.08
C TRP A 162 -4.09 22.10 -0.78
N ASN A 163 -5.11 22.95 -0.79
CA ASN A 163 -5.04 24.26 -1.44
C ASN A 163 -4.65 24.12 -2.91
N SER A 164 -5.27 23.16 -3.58
CA SER A 164 -5.05 22.90 -5.01
C SER A 164 -3.60 22.58 -5.33
N GLY A 165 -2.87 22.02 -4.37
CA GLY A 165 -1.48 21.66 -4.55
C GLY A 165 -0.49 22.70 -4.05
N ALA A 166 -0.96 23.87 -3.63
CA ALA A 166 -0.06 24.89 -3.12
C ALA A 166 0.53 24.53 -1.77
N LEU A 167 -0.15 23.68 -1.00
CA LEU A 167 0.30 23.28 0.33
C LEU A 167 0.74 21.83 0.27
N THR A 168 2.05 21.59 0.38
CA THR A 168 2.61 20.25 0.38
C THR A 168 3.40 19.91 1.64
N SER A 169 3.98 20.92 2.30
CA SER A 169 4.80 20.66 3.47
C SER A 169 3.94 20.22 4.65
N GLY A 170 4.38 19.17 5.35
CA GLY A 170 3.66 18.67 6.50
C GLY A 170 2.41 17.87 6.20
N VAL A 171 2.17 17.54 4.93
CA VAL A 171 0.96 16.81 4.56
C VAL A 171 1.19 15.32 4.74
N HIS A 172 0.23 14.66 5.42
CA HIS A 172 0.25 13.22 5.60
CA HIS A 172 0.25 13.22 5.60
C HIS A 172 -1.10 12.65 5.21
N THR A 173 -1.13 11.86 4.14
CA THR A 173 -2.34 11.20 3.67
C THR A 173 -2.20 9.71 3.96
N PHE A 174 -3.04 9.20 4.85
CA PHE A 174 -2.93 7.82 5.28
C PHE A 174 -3.51 6.87 4.24
N PRO A 175 -2.96 5.65 4.15
CA PRO A 175 -3.57 4.64 3.28
C PRO A 175 -4.97 4.29 3.75
N ALA A 176 -5.80 3.89 2.79
CA ALA A 176 -7.19 3.58 3.11
C ALA A 176 -7.30 2.27 3.88
N VAL A 177 -8.37 2.15 4.67
CA VAL A 177 -8.73 0.92 5.33
C VAL A 177 -10.10 0.49 4.84
N LEU A 178 -10.30 -0.81 4.73
CA LEU A 178 -11.59 -1.36 4.32
C LEU A 178 -12.45 -1.58 5.56
N GLN A 179 -13.54 -0.84 5.66
CA GLN A 179 -14.43 -0.96 6.79
C GLN A 179 -15.34 -2.18 6.64
N SER A 180 -16.03 -2.53 7.73
CA SER A 180 -16.93 -3.68 7.69
C SER A 180 -18.08 -3.48 6.71
N SER A 181 -18.42 -2.23 6.39
CA SER A 181 -19.47 -1.95 5.42
C SER A 181 -19.09 -2.29 4.00
N GLY A 182 -17.81 -2.55 3.73
CA GLY A 182 -17.32 -2.73 2.39
C GLY A 182 -16.82 -1.47 1.72
N LEU A 183 -16.92 -0.33 2.40
CA LEU A 183 -16.46 0.94 1.87
C LEU A 183 -15.13 1.33 2.49
N TYR A 184 -14.38 2.16 1.78
CA TYR A 184 -13.06 2.58 2.22
C TYR A 184 -13.12 3.91 2.96
N SER A 185 -12.09 4.15 3.76
CA SER A 185 -12.00 5.38 4.55
C SER A 185 -10.54 5.71 4.80
N LEU A 186 -10.22 7.00 4.83
CA LEU A 186 -8.89 7.47 5.16
C LEU A 186 -8.98 8.91 5.64
N SER A 187 -7.90 9.37 6.25
CA SER A 187 -7.75 10.77 6.63
C SER A 187 -6.49 11.34 6.00
N SER A 188 -6.54 12.62 5.69
CA SER A 188 -5.38 13.39 5.27
C SER A 188 -5.21 14.55 6.24
N VAL A 189 -4.00 14.72 6.78
CA VAL A 189 -3.74 15.73 7.79
C VAL A 189 -2.56 16.58 7.35
N VAL A 190 -2.47 17.76 7.96
CA VAL A 190 -1.36 18.68 7.71
C VAL A 190 -1.16 19.56 8.94
N THR A 191 0.10 19.83 9.27
CA THR A 191 0.44 20.74 10.36
C THR A 191 0.81 22.09 9.79
N VAL A 192 0.27 23.15 10.39
CA VAL A 192 0.45 24.51 9.91
C VAL A 192 0.77 25.40 11.10
N PRO A 193 1.32 26.59 10.84
CA PRO A 193 1.51 27.56 11.93
C PRO A 193 0.17 27.98 12.51
N SER A 194 0.05 27.87 13.84
CA SER A 194 -1.21 28.22 14.50
C SER A 194 -1.53 29.70 14.36
N SER A 195 -0.51 30.55 14.19
CA SER A 195 -0.74 31.97 13.98
C SER A 195 -1.39 32.27 12.63
N SER A 196 -1.42 31.31 11.71
CA SER A 196 -2.03 31.51 10.40
C SER A 196 -3.49 31.08 10.35
N LEU A 197 -4.04 30.54 11.44
CA LEU A 197 -5.37 29.97 11.38
C LEU A 197 -6.45 31.02 11.11
N GLY A 198 -6.21 32.26 11.52
CA GLY A 198 -7.18 33.32 11.32
C GLY A 198 -7.13 34.01 9.98
N THR A 199 -6.05 33.86 9.24
CA THR A 199 -5.88 34.53 7.96
C THR A 199 -5.80 33.59 6.78
N GLN A 200 -5.14 32.44 6.93
CA GLN A 200 -4.98 31.49 5.84
C GLN A 200 -6.14 30.50 5.82
N THR A 201 -6.65 30.21 4.63
CA THR A 201 -7.70 29.22 4.45
C THR A 201 -7.09 27.91 3.99
N TYR A 202 -7.60 26.80 4.53
CA TYR A 202 -7.09 25.48 4.23
C TYR A 202 -8.21 24.63 3.64
N ILE A 203 -8.00 24.16 2.41
CA ILE A 203 -9.00 23.42 1.67
C ILE A 203 -8.37 22.12 1.19
N CYS A 204 -8.98 21.00 1.53
CA CYS A 204 -8.55 19.71 1.01
C CYS A 204 -9.32 19.40 -0.27
N ASN A 205 -8.60 18.93 -1.28
CA ASN A 205 -9.18 18.63 -2.58
C ASN A 205 -9.15 17.12 -2.77
N VAL A 206 -10.32 16.49 -2.77
CA VAL A 206 -10.44 15.04 -2.84
C VAL A 206 -11.01 14.68 -4.20
N ASN A 207 -10.25 13.91 -4.97
CA ASN A 207 -10.67 13.46 -6.30
C ASN A 207 -10.92 11.95 -6.25
N HIS A 208 -12.10 11.54 -6.73
CA HIS A 208 -12.46 10.12 -6.81
C HIS A 208 -12.85 9.85 -8.26
N LYS A 209 -11.84 9.53 -9.07
CA LYS A 209 -12.08 9.27 -10.49
C LYS A 209 -13.09 8.15 -10.77
N PRO A 210 -13.12 7.05 -10.01
CA PRO A 210 -14.12 6.00 -10.33
C PRO A 210 -15.56 6.49 -10.31
N SER A 211 -15.91 7.43 -9.45
CA SER A 211 -17.26 7.97 -9.41
C SER A 211 -17.36 9.34 -10.08
N ASN A 212 -16.27 9.82 -10.68
CA ASN A 212 -16.23 11.15 -11.31
C ASN A 212 -16.67 12.24 -10.33
N THR A 213 -16.17 12.16 -9.10
CA THR A 213 -16.52 13.09 -8.04
C THR A 213 -15.26 13.75 -7.52
N LYS A 214 -15.29 15.08 -7.42
CA LYS A 214 -14.25 15.86 -6.77
C LYS A 214 -14.88 16.71 -5.68
N VAL A 215 -14.36 16.62 -4.47
CA VAL A 215 -14.89 17.34 -3.31
C VAL A 215 -13.82 18.28 -2.79
N ASP A 216 -14.19 19.54 -2.61
CA ASP A 216 -13.34 20.55 -1.99
C ASP A 216 -13.96 20.94 -0.66
N LYS A 217 -13.25 20.71 0.44
CA LYS A 217 -13.76 20.95 1.78
C LYS A 217 -12.89 22.00 2.47
N ARG A 218 -13.51 23.13 2.82
CA ARG A 218 -12.82 24.15 3.60
C ARG A 218 -12.82 23.74 5.07
N VAL A 219 -11.63 23.63 5.65
CA VAL A 219 -11.47 23.21 7.04
C VAL A 219 -11.23 24.46 7.87
N GLU A 220 -12.25 24.85 8.64
CA GLU A 220 -12.18 26.06 9.43
C GLU A 220 -12.02 25.75 10.91
N PRO A 221 -11.33 26.60 11.66
CA PRO A 221 -11.23 26.39 13.11
C PRO A 221 -12.60 26.42 13.78
N LYS A 222 -12.73 25.63 14.84
CA LYS A 222 -14.01 25.52 15.54
C LYS A 222 -13.88 25.98 16.99
N ALA B 1 3.18 -26.64 -3.42
CA ALA B 1 4.00 -25.57 -3.95
C ALA B 1 5.21 -25.30 -3.06
N ILE B 2 6.26 -24.74 -3.64
CA ILE B 2 7.47 -24.42 -2.90
C ILE B 2 7.26 -23.11 -2.15
N GLN B 3 7.48 -23.13 -0.84
CA GLN B 3 7.32 -21.95 -0.01
C GLN B 3 8.65 -21.23 0.14
N MET B 4 8.64 -19.93 -0.13
CA MET B 4 9.82 -19.08 0.00
C MET B 4 9.66 -18.18 1.23
N THR B 5 10.66 -18.20 2.10
CA THR B 5 10.64 -17.44 3.34
C THR B 5 11.84 -16.51 3.39
N GLN B 6 11.58 -15.22 3.60
CA GLN B 6 12.62 -14.21 3.70
C GLN B 6 12.81 -13.78 5.15
N SER B 7 14.01 -13.29 5.46
CA SER B 7 14.31 -12.85 6.80
C SER B 7 15.30 -11.68 6.75
N PRO B 8 15.05 -10.61 7.50
CA PRO B 8 13.88 -10.37 8.35
C PRO B 8 12.70 -9.85 7.54
N SER B 9 11.53 -9.65 8.15
CA SER B 9 10.43 -9.02 7.44
C SER B 9 10.71 -7.55 7.18
N SER B 10 11.46 -6.91 8.07
CA SER B 10 11.86 -5.51 7.89
C SER B 10 13.16 -5.28 8.64
N LEU B 11 13.93 -4.30 8.17
CA LEU B 11 15.16 -3.92 8.83
C LEU B 11 15.44 -2.44 8.54
N SER B 12 16.08 -1.79 9.51
CA SER B 12 16.46 -0.38 9.39
C SER B 12 17.97 -0.29 9.29
N ALA B 13 18.44 0.46 8.30
CA ALA B 13 19.87 0.62 8.05
C ALA B 13 20.16 2.07 7.66
N SER B 14 21.44 2.38 7.55
CA SER B 14 21.90 3.71 7.21
C SER B 14 22.59 3.69 5.85
N VAL B 15 22.72 4.88 5.25
CA VAL B 15 23.44 4.99 3.99
C VAL B 15 24.89 4.61 4.18
N GLY B 16 25.37 3.68 3.36
CA GLY B 16 26.72 3.17 3.47
C GLY B 16 26.85 1.87 4.22
N ASP B 17 25.80 1.43 4.91
CA ASP B 17 25.83 0.17 5.63
C ASP B 17 25.84 -1.01 4.66
N ARG B 18 26.34 -2.14 5.14
CA ARG B 18 26.28 -3.40 4.42
C ARG B 18 25.02 -4.16 4.87
N VAL B 19 24.09 -4.37 3.94
CA VAL B 19 22.81 -4.99 4.23
C VAL B 19 22.78 -6.37 3.57
N THR B 20 22.28 -7.35 4.32
CA THR B 20 22.13 -8.72 3.84
C THR B 20 20.70 -9.18 4.07
N ILE B 21 20.06 -9.67 3.02
CA ILE B 21 18.69 -10.19 3.08
C ILE B 21 18.73 -11.66 2.71
N THR B 22 18.16 -12.50 3.58
CA THR B 22 18.17 -13.94 3.38
C THR B 22 16.85 -14.42 2.80
N CYS B 23 16.92 -15.42 1.92
CA CYS B 23 15.75 -16.05 1.34
C CYS B 23 15.95 -17.55 1.37
N ARG B 24 14.93 -18.28 1.81
CA ARG B 24 15.04 -19.74 1.98
C ARG B 24 13.87 -20.43 1.31
N ALA B 25 14.16 -21.55 0.65
CA ALA B 25 13.15 -22.33 -0.05
C ALA B 25 12.86 -23.61 0.73
N SER B 26 11.60 -24.05 0.68
CA SER B 26 11.21 -25.27 1.37
C SER B 26 11.75 -26.52 0.69
N GLN B 27 12.18 -26.42 -0.57
CA GLN B 27 12.79 -27.52 -1.29
C GLN B 27 13.99 -26.99 -2.06
N GLY B 28 14.84 -27.91 -2.52
CA GLY B 28 15.94 -27.54 -3.36
C GLY B 28 15.48 -26.95 -4.68
N ILE B 29 16.03 -25.81 -5.07
CA ILE B 29 15.62 -25.14 -6.30
C ILE B 29 16.83 -24.81 -7.14
N SER B 30 17.95 -25.47 -6.85
CA SER B 30 19.22 -25.28 -7.58
C SER B 30 19.57 -23.79 -7.51
N SER B 31 19.78 -23.12 -8.64
CA SER B 31 20.06 -21.69 -8.66
C SER B 31 18.93 -20.89 -9.30
N ASP B 32 17.76 -21.51 -9.46
CA ASP B 32 16.63 -20.89 -10.14
C ASP B 32 15.91 -19.93 -9.18
N LEU B 33 16.61 -18.84 -8.85
CA LEU B 33 16.08 -17.83 -7.95
C LEU B 33 16.33 -16.44 -8.53
N ALA B 34 15.35 -15.57 -8.39
CA ALA B 34 15.45 -14.18 -8.82
C ALA B 34 15.19 -13.25 -7.63
N TRP B 35 15.77 -12.05 -7.71
CA TRP B 35 15.59 -11.01 -6.70
C TRP B 35 14.96 -9.79 -7.35
N TYR B 36 14.06 -9.13 -6.62
CA TYR B 36 13.36 -7.95 -7.12
C TYR B 36 13.42 -6.83 -6.10
N GLN B 37 13.34 -5.59 -6.59
CA GLN B 37 13.18 -4.40 -5.77
C GLN B 37 11.88 -3.72 -6.16
N GLN B 38 11.10 -3.31 -5.16
CA GLN B 38 9.86 -2.59 -5.42
C GLN B 38 9.73 -1.41 -4.48
N LYS B 39 9.30 -0.29 -5.03
CA LYS B 39 9.02 0.93 -4.29
C LYS B 39 7.52 1.22 -4.32
N PRO B 40 7.00 1.96 -3.35
CA PRO B 40 5.54 2.17 -3.28
C PRO B 40 4.99 2.79 -4.56
N GLY B 41 3.90 2.22 -5.05
CA GLY B 41 3.24 2.71 -6.24
C GLY B 41 3.90 2.34 -7.55
N LYS B 42 4.93 1.50 -7.52
CA LYS B 42 5.67 1.13 -8.72
C LYS B 42 5.68 -0.38 -8.87
N ALA B 43 5.92 -0.83 -10.10
CA ALA B 43 6.10 -2.24 -10.39
C ALA B 43 7.48 -2.71 -9.94
N PRO B 44 7.63 -3.99 -9.62
CA PRO B 44 8.94 -4.49 -9.21
C PRO B 44 9.95 -4.41 -10.35
N LYS B 45 11.22 -4.36 -9.97
CA LYS B 45 12.33 -4.32 -10.92
C LYS B 45 13.25 -5.49 -10.66
N LEU B 46 13.52 -6.27 -11.71
CA LEU B 46 14.39 -7.42 -11.58
C LEU B 46 15.82 -6.98 -11.28
N LEU B 47 16.39 -7.53 -10.21
CA LEU B 47 17.76 -7.23 -9.80
C LEU B 47 18.74 -8.33 -10.15
N ILE B 48 18.38 -9.58 -9.85
CA ILE B 48 19.29 -10.71 -9.99
C ILE B 48 18.50 -11.90 -10.49
N TYR B 49 19.12 -12.69 -11.37
CA TYR B 49 18.58 -13.97 -11.80
C TYR B 49 19.66 -15.02 -11.63
N ASP B 50 19.24 -16.29 -11.65
CA ASP B 50 20.14 -17.43 -11.46
C ASP B 50 20.92 -17.28 -10.15
N ALA B 51 20.25 -16.74 -9.13
CA ALA B 51 20.75 -16.59 -7.77
C ALA B 51 21.92 -15.60 -7.66
N SER B 52 22.80 -15.56 -8.66
CA SER B 52 23.99 -14.73 -8.57
C SER B 52 24.24 -13.84 -9.79
N SER B 53 23.52 -14.02 -10.89
CA SER B 53 23.77 -13.22 -12.09
C SER B 53 23.08 -11.87 -11.97
N LEU B 54 23.85 -10.80 -12.16
CA LEU B 54 23.33 -9.46 -12.05
C LEU B 54 22.56 -9.08 -13.32
N GLN B 55 21.38 -8.50 -13.15
CA GLN B 55 20.60 -8.02 -14.27
C GLN B 55 21.18 -6.72 -14.82
N SER B 56 21.01 -6.52 -16.12
CA SER B 56 21.51 -5.32 -16.76
C SER B 56 20.89 -4.07 -16.15
N GLY B 57 21.71 -3.04 -15.99
CA GLY B 57 21.27 -1.80 -15.40
C GLY B 57 21.24 -1.76 -13.89
N VAL B 58 21.62 -2.84 -13.22
CA VAL B 58 21.60 -2.93 -11.77
C VAL B 58 22.98 -2.58 -11.25
N PRO B 59 23.11 -1.71 -10.24
CA PRO B 59 24.43 -1.34 -9.74
C PRO B 59 25.19 -2.55 -9.19
N SER B 60 26.51 -2.48 -9.28
CA SER B 60 27.36 -3.60 -8.86
C SER B 60 27.39 -3.80 -7.35
N ARG B 61 26.84 -2.86 -6.58
CA ARG B 61 26.75 -3.06 -5.13
C ARG B 61 25.71 -4.13 -4.78
N PHE B 62 24.82 -4.48 -5.70
CA PHE B 62 23.90 -5.59 -5.51
C PHE B 62 24.59 -6.89 -5.94
N SER B 63 24.51 -7.90 -5.08
CA SER B 63 25.07 -9.21 -5.41
C SER B 63 24.26 -10.28 -4.70
N GLY B 64 24.18 -11.45 -5.33
CA GLY B 64 23.45 -12.56 -4.77
C GLY B 64 24.33 -13.79 -4.73
N SER B 65 23.95 -14.71 -3.83
CA SER B 65 24.71 -15.94 -3.66
C SER B 65 23.79 -17.00 -3.07
N GLY B 66 24.26 -18.24 -3.08
CA GLY B 66 23.53 -19.34 -2.51
C GLY B 66 22.99 -20.29 -3.57
N SER B 67 22.70 -21.51 -3.13
CA SER B 67 22.13 -22.53 -4.00
C SER B 67 21.45 -23.57 -3.13
N GLY B 68 20.50 -24.29 -3.73
CA GLY B 68 19.74 -25.28 -3.00
C GLY B 68 18.54 -24.70 -2.29
N THR B 69 18.69 -24.42 -1.00
CA THR B 69 17.59 -23.87 -0.21
C THR B 69 17.96 -22.60 0.55
N ASP B 70 19.21 -22.17 0.51
CA ASP B 70 19.68 -21.01 1.27
C ASP B 70 20.26 -19.98 0.31
N PHE B 71 19.66 -18.79 0.28
CA PHE B 71 20.06 -17.72 -0.62
C PHE B 71 20.14 -16.40 0.15
N THR B 72 21.03 -15.52 -0.31
CA THR B 72 21.20 -14.21 0.32
C THR B 72 21.37 -13.14 -0.75
N LEU B 73 20.75 -11.98 -0.52
CA LEU B 73 20.97 -10.78 -1.30
C LEU B 73 21.78 -9.80 -0.47
N THR B 74 22.84 -9.25 -1.06
CA THR B 74 23.75 -8.36 -0.35
C THR B 74 23.84 -7.01 -1.04
N ILE B 75 23.66 -5.94 -0.28
CA ILE B 75 23.92 -4.58 -0.72
C ILE B 75 25.14 -4.10 0.05
N SER B 76 26.28 -4.02 -0.65
CA SER B 76 27.55 -3.77 0.03
C SER B 76 27.58 -2.38 0.65
N SER B 77 27.08 -1.37 -0.05
CA SER B 77 27.07 0.00 0.45
C SER B 77 25.69 0.59 0.16
N LEU B 78 24.84 0.63 1.18
CA LEU B 78 23.45 1.07 0.99
C LEU B 78 23.41 2.53 0.56
N GLN B 79 22.62 2.81 -0.46
CA GLN B 79 22.44 4.14 -1.00
C GLN B 79 21.02 4.63 -0.75
N PRO B 80 20.78 5.95 -0.77
CA PRO B 80 19.43 6.45 -0.49
C PRO B 80 18.36 5.88 -1.41
N GLU B 81 18.69 5.57 -2.66
CA GLU B 81 17.70 5.01 -3.58
C GLU B 81 17.47 3.52 -3.38
N ASP B 82 18.19 2.89 -2.44
CA ASP B 82 18.04 1.46 -2.19
C ASP B 82 16.98 1.15 -1.14
N PHE B 83 16.51 2.14 -0.38
CA PHE B 83 15.47 1.91 0.61
C PHE B 83 14.17 1.56 -0.10
N ALA B 84 13.77 0.30 0.01
CA ALA B 84 12.61 -0.23 -0.69
C ALA B 84 12.30 -1.61 -0.11
N THR B 85 11.36 -2.30 -0.75
CA THR B 85 11.02 -3.67 -0.39
C THR B 85 11.64 -4.62 -1.42
N TYR B 86 12.19 -5.72 -0.93
CA TYR B 86 12.90 -6.67 -1.77
C TYR B 86 12.24 -8.05 -1.66
N TYR B 87 12.06 -8.69 -2.81
CA TYR B 87 11.42 -9.99 -2.91
C TYR B 87 12.35 -10.98 -3.60
N CYS B 88 12.33 -12.23 -3.15
CA CYS B 88 12.92 -13.32 -3.91
C CYS B 88 11.82 -14.12 -4.60
N GLN B 89 12.20 -14.84 -5.64
CA GLN B 89 11.24 -15.62 -6.42
C GLN B 89 11.93 -16.83 -6.99
N GLN B 90 11.31 -17.99 -6.84
CA GLN B 90 11.81 -19.23 -7.42
C GLN B 90 11.08 -19.51 -8.73
N TYR B 91 11.85 -19.96 -9.73
CA TYR B 91 11.28 -20.45 -10.98
C TYR B 91 11.76 -21.87 -11.25
N TRP B 92 11.98 -22.64 -10.18
CA TRP B 92 12.40 -24.02 -10.33
C TRP B 92 11.28 -24.90 -10.86
N TRP B 93 10.07 -24.72 -10.34
CA TRP B 93 8.93 -25.50 -10.83
C TRP B 93 7.63 -24.75 -10.54
N TYR B 94 6.61 -25.07 -11.33
CA TYR B 94 5.32 -24.42 -11.23
C TYR B 94 4.54 -24.95 -10.03
N PRO B 95 3.77 -24.10 -9.35
CA PRO B 95 3.59 -22.66 -9.60
C PRO B 95 4.75 -21.84 -9.05
N PHE B 96 5.15 -20.78 -9.75
CA PHE B 96 6.20 -19.91 -9.24
C PHE B 96 5.71 -19.17 -8.00
N THR B 97 6.60 -19.01 -7.02
CA THR B 97 6.24 -18.43 -5.74
C THR B 97 7.27 -17.38 -5.32
N PHE B 98 6.78 -16.36 -4.62
CA PHE B 98 7.60 -15.28 -4.10
C PHE B 98 7.78 -15.43 -2.59
N GLY B 99 8.83 -14.80 -2.07
CA GLY B 99 8.92 -14.58 -0.65
C GLY B 99 7.96 -13.49 -0.21
N GLN B 100 7.80 -13.36 1.10
CA GLN B 100 6.86 -12.38 1.63
C GLN B 100 7.38 -10.95 1.57
N GLY B 101 8.66 -10.75 1.27
CA GLY B 101 9.22 -9.43 1.12
C GLY B 101 9.98 -8.97 2.34
N THR B 102 11.01 -8.17 2.12
CA THR B 102 11.82 -7.58 3.19
C THR B 102 11.92 -6.08 2.94
N LYS B 103 11.45 -5.30 3.91
CA LYS B 103 11.43 -3.85 3.79
C LYS B 103 12.69 -3.27 4.40
N VAL B 104 13.46 -2.54 3.60
CA VAL B 104 14.68 -1.87 4.06
C VAL B 104 14.32 -0.41 4.30
N GLU B 105 14.27 -0.03 5.58
CA GLU B 105 13.86 1.31 5.98
C GLU B 105 15.06 2.09 6.52
N ILE B 106 14.84 3.39 6.70
CA ILE B 106 15.89 4.32 7.09
C ILE B 106 15.97 4.36 8.61
N LYS B 107 17.16 4.10 9.15
CA LYS B 107 17.39 4.19 10.59
C LYS B 107 17.62 5.65 10.99
N ARG B 108 17.03 6.04 12.11
CA ARG B 108 17.20 7.38 12.64
C ARG B 108 16.97 7.34 14.14
N THR B 109 17.21 8.48 14.79
CA THR B 109 17.04 8.56 16.23
C THR B 109 15.56 8.49 16.60
N VAL B 110 15.29 8.08 17.84
CA VAL B 110 13.91 7.99 18.31
C VAL B 110 13.29 9.38 18.34
N ALA B 111 11.99 9.44 18.05
CA ALA B 111 11.27 10.70 18.02
C ALA B 111 9.89 10.50 18.63
N ALA B 112 9.54 11.34 19.59
CA ALA B 112 8.24 11.23 20.24
C ALA B 112 7.16 11.83 19.34
N PRO B 113 5.96 11.24 19.31
CA PRO B 113 4.90 11.79 18.46
C PRO B 113 4.25 13.01 19.06
N SER B 114 3.78 13.88 18.18
CA SER B 114 2.85 14.95 18.56
C SER B 114 1.44 14.41 18.42
N VAL B 115 0.68 14.42 19.50
CA VAL B 115 -0.63 13.78 19.56
C VAL B 115 -1.71 14.85 19.46
N PHE B 116 -2.63 14.66 18.53
CA PHE B 116 -3.80 15.52 18.37
C PHE B 116 -5.04 14.65 18.34
N ILE B 117 -6.13 15.15 18.91
CA ILE B 117 -7.41 14.44 18.91
C ILE B 117 -8.45 15.32 18.25
N PHE B 118 -9.28 14.72 17.40
CA PHE B 118 -10.30 15.44 16.64
C PHE B 118 -11.67 14.87 16.96
N PRO B 119 -12.59 15.66 17.51
CA PRO B 119 -13.96 15.18 17.69
C PRO B 119 -14.66 15.00 16.35
N PRO B 120 -15.74 14.24 16.29
CA PRO B 120 -16.51 14.17 15.05
C PRO B 120 -17.17 15.50 14.75
N SER B 121 -17.32 15.79 13.46
CA SER B 121 -17.92 17.04 13.04
C SER B 121 -19.44 16.98 13.20
N ASP B 122 -20.04 18.16 13.35
CA ASP B 122 -21.50 18.24 13.37
C ASP B 122 -22.09 17.70 12.07
N GLU B 123 -21.37 17.87 10.96
CA GLU B 123 -21.87 17.38 9.68
C GLU B 123 -21.97 15.87 9.66
N GLN B 124 -20.98 15.17 10.23
CA GLN B 124 -21.02 13.71 10.22
C GLN B 124 -22.08 13.19 11.19
N LEU B 125 -22.28 13.87 12.33
CA LEU B 125 -23.26 13.40 13.30
C LEU B 125 -24.66 13.32 12.70
N LYS B 126 -24.97 14.19 11.74
CA LYS B 126 -26.25 14.11 11.06
C LYS B 126 -26.39 12.87 10.20
N SER B 127 -25.31 12.13 9.95
CA SER B 127 -25.38 10.89 9.21
C SER B 127 -25.67 9.67 10.08
N GLY B 128 -25.55 9.81 11.40
CA GLY B 128 -25.84 8.72 12.31
C GLY B 128 -24.62 8.04 12.90
N THR B 129 -23.42 8.38 12.44
CA THR B 129 -22.19 7.79 12.94
C THR B 129 -21.22 8.89 13.35
N ALA B 130 -20.35 8.58 14.29
CA ALA B 130 -19.35 9.50 14.80
C ALA B 130 -17.98 8.87 14.67
N SER B 131 -17.05 9.59 14.03
CA SER B 131 -15.67 9.15 13.90
C SER B 131 -14.78 10.09 14.71
N VAL B 132 -14.06 9.53 15.68
CA VAL B 132 -13.13 10.28 16.49
C VAL B 132 -11.72 9.87 16.09
N VAL B 133 -10.91 10.84 15.68
CA VAL B 133 -9.61 10.58 15.06
C VAL B 133 -8.51 11.04 16.02
N CYS B 134 -7.55 10.16 16.26
CA CYS B 134 -6.35 10.48 17.04
C CYS B 134 -5.15 10.41 16.11
N LEU B 135 -4.35 11.48 16.10
CA LEU B 135 -3.21 11.61 15.20
C LEU B 135 -1.91 11.56 15.98
N LEU B 136 -1.03 10.64 15.60
CA LEU B 136 0.35 10.58 16.11
C LEU B 136 1.26 11.06 14.99
N ASN B 137 1.82 12.24 15.15
CA ASN B 137 2.53 12.91 14.04
C ASN B 137 4.03 12.85 14.27
N ASN B 138 4.74 12.34 13.26
CA ASN B 138 6.21 12.39 13.17
C ASN B 138 6.87 11.75 14.39
N PHE B 139 6.83 10.42 14.41
CA PHE B 139 7.46 9.65 15.47
C PHE B 139 8.32 8.56 14.87
N TYR B 140 9.27 8.06 15.68
CA TYR B 140 10.14 6.96 15.29
C TYR B 140 10.57 6.26 16.56
N PRO B 141 10.64 4.92 16.58
CA PRO B 141 10.35 3.98 15.49
C PRO B 141 8.86 3.78 15.25
N ARG B 142 8.52 2.76 14.45
CA ARG B 142 7.13 2.57 14.03
C ARG B 142 6.23 2.15 15.18
N GLU B 143 6.78 1.51 16.20
CA GLU B 143 5.96 0.93 17.26
C GLU B 143 5.37 2.00 18.16
N ALA B 144 4.11 1.83 18.51
CA ALA B 144 3.41 2.71 19.44
C ALA B 144 2.11 2.03 19.87
N LYS B 145 1.74 2.23 21.13
CA LYS B 145 0.50 1.69 21.68
C LYS B 145 -0.51 2.83 21.82
N VAL B 146 -1.68 2.66 21.21
CA VAL B 146 -2.74 3.65 21.24
C VAL B 146 -3.97 3.01 21.87
N GLN B 147 -4.52 3.66 22.88
CA GLN B 147 -5.69 3.17 23.60
C GLN B 147 -6.76 4.26 23.65
N TRP B 148 -8.00 3.86 23.41
CA TRP B 148 -9.14 4.77 23.47
C TRP B 148 -9.88 4.58 24.79
N LYS B 149 -10.21 5.69 25.46
CA LYS B 149 -10.99 5.67 26.68
C LYS B 149 -12.18 6.60 26.54
N VAL B 150 -13.37 6.09 26.84
CA VAL B 150 -14.62 6.85 26.75
C VAL B 150 -15.26 6.80 28.13
N ASP B 151 -15.16 7.90 28.87
CA ASP B 151 -15.60 7.96 30.28
C ASP B 151 -14.90 6.89 31.11
N ASN B 152 -13.57 6.89 31.03
CA ASN B 152 -12.64 5.93 31.63
C ASN B 152 -12.89 4.48 31.21
N ALA B 153 -13.81 4.21 30.29
CA ALA B 153 -14.04 2.85 29.81
C ALA B 153 -13.13 2.56 28.62
N LEU B 154 -12.26 1.57 28.77
CA LEU B 154 -11.37 1.20 27.68
C LEU B 154 -12.15 0.59 26.53
N GLN B 155 -11.88 1.07 25.32
CA GLN B 155 -12.56 0.61 24.12
C GLN B 155 -11.75 -0.46 23.42
N SER B 156 -12.45 -1.38 22.77
CA SER B 156 -11.82 -2.44 22.00
C SER B 156 -12.77 -2.90 20.91
N GLY B 157 -12.23 -3.14 19.71
CA GLY B 157 -13.00 -3.63 18.60
C GLY B 157 -13.68 -2.57 17.76
N ASN B 158 -13.62 -1.30 18.16
CA ASN B 158 -14.29 -0.22 17.44
C ASN B 158 -13.30 0.85 16.97
N SER B 159 -12.04 0.47 16.74
CA SER B 159 -11.04 1.41 16.27
C SER B 159 -10.14 0.74 15.24
N GLN B 160 -9.61 1.56 14.33
CA GLN B 160 -8.73 1.09 13.27
C GLN B 160 -7.53 2.02 13.16
N GLU B 161 -6.36 1.43 12.95
CA GLU B 161 -5.12 2.19 12.82
C GLU B 161 -4.61 2.16 11.38
N SER B 162 -3.96 3.25 10.98
CA SER B 162 -3.36 3.38 9.66
C SER B 162 -2.05 4.16 9.80
N VAL B 163 -1.03 3.71 9.09
CA VAL B 163 0.32 4.27 9.21
C VAL B 163 0.81 4.69 7.83
N THR B 164 1.46 5.85 7.77
CA THR B 164 2.11 6.30 6.54
C THR B 164 3.48 5.66 6.39
N GLU B 165 4.05 5.80 5.20
CA GLU B 165 5.43 5.40 4.97
C GLU B 165 6.37 6.44 5.58
N GLN B 166 7.67 6.15 5.56
CA GLN B 166 8.64 7.07 6.14
C GLN B 166 8.63 8.40 5.39
N ASP B 167 8.55 9.49 6.14
CA ASP B 167 8.52 10.82 5.54
C ASP B 167 9.82 11.09 4.80
N SER B 168 9.70 11.74 3.65
CA SER B 168 10.87 12.08 2.85
C SER B 168 11.70 13.19 3.47
N LYS B 169 11.19 13.88 4.49
CA LYS B 169 11.92 14.98 5.12
C LYS B 169 12.71 14.54 6.33
N ASP B 170 12.06 13.87 7.29
CA ASP B 170 12.70 13.49 8.54
C ASP B 170 12.70 11.99 8.80
N SER B 171 12.21 11.18 7.86
CA SER B 171 12.23 9.72 7.97
C SER B 171 11.42 9.22 9.15
N THR B 172 10.41 9.97 9.57
CA THR B 172 9.53 9.56 10.65
C THR B 172 8.24 8.96 10.09
N TYR B 173 7.44 8.39 10.98
CA TYR B 173 6.14 7.86 10.65
C TYR B 173 5.05 8.73 11.27
N SER B 174 3.84 8.58 10.73
CA SER B 174 2.64 9.15 11.31
C SER B 174 1.57 8.08 11.36
N LEU B 175 0.70 8.17 12.37
CA LEU B 175 -0.30 7.15 12.60
C LEU B 175 -1.63 7.80 12.95
N SER B 176 -2.71 7.25 12.40
CA SER B 176 -4.06 7.65 12.73
C SER B 176 -4.79 6.50 13.41
N SER B 177 -5.53 6.80 14.46
CA SER B 177 -6.42 5.86 15.11
C SER B 177 -7.82 6.45 15.09
N THR B 178 -8.76 5.76 14.46
CA THR B 178 -10.11 6.26 14.27
C THR B 178 -11.08 5.42 15.09
N LEU B 179 -11.75 6.06 16.03
CA LEU B 179 -12.80 5.42 16.83
C LEU B 179 -14.14 5.67 16.16
N THR B 180 -14.84 4.59 15.84
CA THR B 180 -16.13 4.66 15.14
C THR B 180 -17.24 4.26 16.09
N LEU B 181 -18.14 5.20 16.37
CA LEU B 181 -19.30 4.96 17.22
C LEU B 181 -20.55 5.42 16.50
N SER B 182 -21.69 4.84 16.88
CA SER B 182 -22.96 5.38 16.44
C SER B 182 -23.18 6.76 17.07
N LYS B 183 -24.05 7.55 16.43
CA LYS B 183 -24.37 8.85 16.98
C LYS B 183 -24.98 8.72 18.38
N ALA B 184 -25.82 7.70 18.58
CA ALA B 184 -26.47 7.52 19.87
C ALA B 184 -25.44 7.24 20.97
N ASP B 185 -24.49 6.35 20.70
CA ASP B 185 -23.46 6.05 21.68
C ASP B 185 -22.60 7.27 21.98
N TYR B 186 -22.31 8.06 20.94
CA TYR B 186 -21.45 9.23 21.14
C TYR B 186 -22.11 10.26 22.04
N GLU B 187 -23.43 10.45 21.91
CA GLU B 187 -24.12 11.44 22.72
C GLU B 187 -24.32 10.98 24.16
N LYS B 188 -24.23 9.68 24.42
CA LYS B 188 -24.42 9.15 25.78
C LYS B 188 -23.19 9.28 26.66
N HIS B 189 -22.06 9.74 26.11
CA HIS B 189 -20.83 9.84 26.87
C HIS B 189 -20.23 11.24 26.74
N LYS B 190 -19.31 11.56 27.65
CA LYS B 190 -18.79 12.91 27.80
C LYS B 190 -17.31 13.02 27.45
N VAL B 191 -16.45 12.23 28.08
CA VAL B 191 -15.01 12.37 27.96
C VAL B 191 -14.50 11.34 26.97
N TYR B 192 -13.80 11.80 25.93
CA TYR B 192 -13.17 10.95 24.93
C TYR B 192 -11.68 11.21 24.95
N ALA B 193 -10.91 10.16 25.23
CA ALA B 193 -9.47 10.29 25.44
C ALA B 193 -8.70 9.31 24.57
N CYS B 194 -7.57 9.78 24.03
CA CYS B 194 -6.64 8.96 23.28
C CYS B 194 -5.32 8.93 24.02
N GLU B 195 -4.91 7.74 24.47
CA GLU B 195 -3.67 7.56 25.22
C GLU B 195 -2.63 6.92 24.31
N VAL B 196 -1.48 7.58 24.16
CA VAL B 196 -0.39 7.12 23.32
C VAL B 196 0.80 6.83 24.22
N THR B 197 1.30 5.60 24.16
CA THR B 197 2.45 5.17 24.95
C THR B 197 3.60 4.82 24.04
N GLN B 198 4.77 5.41 24.30
CA GLN B 198 5.97 5.11 23.54
C GLN B 198 7.17 5.19 24.48
N GLY B 199 7.89 4.09 24.64
CA GLY B 199 9.03 4.08 25.53
C GLY B 199 8.60 4.30 26.97
N THR B 200 9.13 5.34 27.59
CA THR B 200 8.81 5.68 28.97
C THR B 200 7.80 6.82 29.08
N THR B 201 7.12 7.17 27.99
CA THR B 201 6.23 8.32 27.96
C THR B 201 4.83 7.87 27.53
N SER B 202 3.83 8.27 28.30
CA SER B 202 2.43 8.09 27.94
C SER B 202 1.77 9.46 27.86
N VAL B 203 1.12 9.75 26.74
CA VAL B 203 0.46 11.03 26.52
C VAL B 203 -1.01 10.76 26.24
N THR B 204 -1.89 11.43 26.98
CA THR B 204 -3.33 11.30 26.80
C THR B 204 -3.90 12.65 26.37
N LYS B 205 -4.42 12.71 25.14
CA LYS B 205 -5.15 13.86 24.65
C LYS B 205 -6.64 13.54 24.70
N SER B 206 -7.43 14.48 25.21
CA SER B 206 -8.85 14.24 25.41
C SER B 206 -9.66 15.48 25.06
N PHE B 207 -10.97 15.29 24.94
CA PHE B 207 -11.92 16.38 24.81
C PHE B 207 -13.21 15.97 25.48
N ASN B 208 -13.99 16.97 25.89
CA ASN B 208 -15.30 16.76 26.47
C ASN B 208 -16.35 17.14 25.43
N ARG B 209 -17.24 16.20 25.10
CA ARG B 209 -18.28 16.46 24.13
C ARG B 209 -19.17 17.61 24.58
N GLY B 210 -19.02 18.76 23.92
CA GLY B 210 -19.78 19.94 24.29
C GLY B 210 -18.96 21.22 24.21
N GLU B 211 -17.71 21.16 24.67
CA GLU B 211 -16.83 22.33 24.65
C GLU B 211 -16.42 22.68 23.22
#